data_4POL
#
_entry.id   4POL
#
_cell.length_a   85.478
_cell.length_b   57.923
_cell.length_c   94.902
_cell.angle_alpha   90.00
_cell.angle_beta   90.34
_cell.angle_gamma   90.00
#
_symmetry.space_group_name_H-M   'C 1 2 1'
#
loop_
_entity.id
_entity.type
_entity.pdbx_description
1 polymer Thioredoxin
2 non-polymer '1-THIOETHANESULFONIC ACID'
#
_entity_poly.entity_id   1
_entity_poly.type   'polypeptide(L)'
_entity_poly.pdbx_seq_one_letter_code
;GAGTMVKQIESKTAFQKALKAAGDKLVVVDFSATWCGPCKMIKPFFHSLSEKYSNVIFLEVDVDDCQDVASECEVKCMPT
FQFFKKGQKVGEFSGANKKKLEATINKLV
;
_entity_poly.pdbx_strand_id   A,B,C,D
#
loop_
_chem_comp.id
_chem_comp.type
_chem_comp.name
_chem_comp.formula
COM non-polymer '1-THIOETHANESULFONIC ACID' 'C2 H6 O3 S2'
#
# COMPACT_ATOMS: atom_id res chain seq x y z
N THR A 4 -29.68 3.17 -15.53
CA THR A 4 -31.04 2.61 -15.22
C THR A 4 -31.53 1.66 -16.31
N MET A 5 -31.06 1.88 -17.54
CA MET A 5 -31.35 0.97 -18.65
C MET A 5 -30.22 -0.02 -18.89
N VAL A 6 -29.22 0.01 -18.02
CA VAL A 6 -28.11 -0.94 -18.08
C VAL A 6 -28.56 -2.28 -17.53
N LYS A 7 -28.06 -3.36 -18.13
CA LYS A 7 -28.32 -4.69 -17.62
C LYS A 7 -27.01 -5.37 -17.22
N GLN A 8 -27.01 -6.01 -16.05
CA GLN A 8 -25.87 -6.78 -15.60
C GLN A 8 -25.84 -8.16 -16.25
N ILE A 9 -24.70 -8.49 -16.85
CA ILE A 9 -24.47 -9.82 -17.42
C ILE A 9 -23.75 -10.67 -16.37
N GLU A 10 -24.49 -11.63 -15.81
CA GLU A 10 -24.02 -12.45 -14.71
C GLU A 10 -23.59 -13.86 -15.16
N SER A 11 -23.68 -14.11 -16.46
CA SER A 11 -23.28 -15.40 -17.05
C SER A 11 -22.81 -15.26 -18.49
N LYS A 12 -22.04 -16.25 -18.95
CA LYS A 12 -21.56 -16.30 -20.33
C LYS A 12 -22.72 -16.40 -21.32
N THR A 13 -23.80 -17.07 -20.90
CA THR A 13 -24.99 -17.27 -21.73
C THR A 13 -25.79 -15.99 -21.90
N ALA A 14 -25.99 -15.26 -20.80
CA ALA A 14 -26.68 -13.97 -20.80
C ALA A 14 -25.98 -12.96 -21.72
N PHE A 15 -24.66 -13.10 -21.83
CA PHE A 15 -23.84 -12.30 -22.74
C PHE A 15 -24.18 -12.61 -24.19
N GLN A 16 -24.12 -13.88 -24.56
CA GLN A 16 -24.43 -14.32 -25.93
C GLN A 16 -25.87 -14.03 -26.30
N LYS A 17 -26.77 -14.13 -25.32
CA LYS A 17 -28.19 -13.83 -25.51
C LYS A 17 -28.43 -12.37 -25.81
N ALA A 18 -27.86 -11.48 -24.99
CA ALA A 18 -28.04 -10.04 -25.15
C ALA A 18 -27.59 -9.53 -26.51
N LEU A 19 -26.48 -10.08 -27.02
CA LEU A 19 -25.96 -9.73 -28.33
C LEU A 19 -26.85 -10.23 -29.47
N LYS A 20 -27.58 -11.33 -29.21
CA LYS A 20 -28.58 -11.84 -30.15
C LYS A 20 -29.83 -10.95 -30.13
N ALA A 21 -30.33 -10.67 -28.93
CA ALA A 21 -31.58 -9.92 -28.73
C ALA A 21 -31.51 -8.43 -29.11
N ALA A 22 -30.29 -7.92 -29.33
CA ALA A 22 -30.09 -6.53 -29.68
C ALA A 22 -30.48 -6.21 -31.12
N GLY A 23 -30.39 -7.21 -32.00
CA GLY A 23 -30.73 -7.04 -33.41
C GLY A 23 -29.68 -6.28 -34.18
N ASP A 24 -30.05 -5.11 -34.70
CA ASP A 24 -29.14 -4.25 -35.47
C ASP A 24 -28.68 -3.03 -34.66
N LYS A 25 -28.97 -3.06 -33.36
CA LYS A 25 -28.58 -1.98 -32.45
C LYS A 25 -27.14 -2.14 -31.99
N LEU A 26 -26.49 -1.01 -31.68
CA LEU A 26 -25.15 -1.00 -31.09
C LEU A 26 -25.20 -1.49 -29.65
N VAL A 27 -24.25 -2.35 -29.30
CA VAL A 27 -24.12 -2.85 -27.93
C VAL A 27 -22.84 -2.35 -27.27
N VAL A 28 -23.00 -1.60 -26.18
CA VAL A 28 -21.86 -1.12 -25.40
C VAL A 28 -21.70 -1.99 -24.17
N VAL A 29 -20.52 -2.57 -23.99
CA VAL A 29 -20.24 -3.40 -22.82
C VAL A 29 -19.17 -2.73 -21.94
N ASP A 30 -19.50 -2.55 -20.66
CA ASP A 30 -18.55 -2.04 -19.66
C ASP A 30 -17.96 -3.18 -18.83
N PHE A 31 -16.72 -3.55 -19.14
CA PHE A 31 -15.96 -4.51 -18.34
C PHE A 31 -15.32 -3.79 -17.16
N SER A 32 -15.89 -3.97 -15.98
CA SER A 32 -15.39 -3.32 -14.77
C SER A 32 -15.41 -4.25 -13.55
N ALA A 33 -14.90 -3.73 -12.42
CA ALA A 33 -14.90 -4.46 -11.16
C ALA A 33 -15.27 -3.54 -10.00
N THR A 34 -15.78 -4.14 -8.92
CA THR A 34 -16.27 -3.39 -7.76
C THR A 34 -15.16 -2.65 -6.99
N TRP A 35 -13.93 -3.13 -7.11
CA TRP A 35 -12.78 -2.53 -6.40
C TRP A 35 -12.03 -1.52 -7.25
N CYS A 36 -12.49 -1.32 -8.47
CA CYS A 36 -11.81 -0.49 -9.44
C CYS A 36 -12.15 0.97 -9.21
N GLY A 37 -11.11 1.77 -8.99
CA GLY A 37 -11.25 3.20 -8.70
C GLY A 37 -11.90 4.02 -9.81
N PRO A 38 -11.26 4.07 -10.99
CA PRO A 38 -11.79 4.82 -12.14
C PRO A 38 -13.13 4.29 -12.64
N CYS A 39 -13.37 2.99 -12.48
CA CYS A 39 -14.64 2.37 -12.87
C CYS A 39 -15.81 2.98 -12.13
N LYS A 40 -15.61 3.28 -10.85
CA LYS A 40 -16.65 3.90 -10.02
C LYS A 40 -16.84 5.37 -10.38
N MET A 41 -15.76 6.00 -10.84
CA MET A 41 -15.76 7.42 -11.21
C MET A 41 -16.61 7.72 -12.46
N ILE A 42 -16.63 6.78 -13.40
CA ILE A 42 -17.34 6.94 -14.67
C ILE A 42 -18.68 6.17 -14.73
N LYS A 43 -18.97 5.42 -13.67
CA LYS A 43 -20.17 4.56 -13.63
C LYS A 43 -21.51 5.32 -13.72
N PRO A 44 -21.71 6.35 -12.86
CA PRO A 44 -22.94 7.15 -12.94
C PRO A 44 -23.16 7.79 -14.31
N PHE A 45 -22.07 8.11 -15.02
CA PHE A 45 -22.14 8.66 -16.37
C PHE A 45 -22.61 7.60 -17.36
N PHE A 46 -22.12 6.38 -17.19
CA PHE A 46 -22.50 5.25 -18.05
C PHE A 46 -24.00 5.00 -17.98
N HIS A 47 -24.51 4.88 -16.76
CA HIS A 47 -25.94 4.67 -16.49
C HIS A 47 -26.82 5.77 -17.07
N SER A 48 -26.37 7.02 -16.94
CA SER A 48 -27.13 8.17 -17.45
C SER A 48 -27.16 8.23 -18.98
N LEU A 49 -26.13 7.70 -19.64
CA LEU A 49 -26.11 7.61 -21.11
C LEU A 49 -27.12 6.59 -21.61
N SER A 50 -27.40 5.57 -20.79
CA SER A 50 -28.32 4.50 -21.17
C SER A 50 -29.77 4.95 -21.20
N GLU A 51 -30.09 6.02 -20.46
CA GLU A 51 -31.44 6.59 -20.50
C GLU A 51 -31.51 7.79 -21.45
N LYS A 52 -30.46 7.96 -22.25
CA LYS A 52 -30.35 9.01 -23.25
C LYS A 52 -30.08 8.41 -24.64
N TYR A 53 -30.01 7.09 -24.71
CA TYR A 53 -29.79 6.37 -25.96
C TYR A 53 -30.68 5.13 -26.07
N SER A 54 -31.90 5.33 -26.57
CA SER A 54 -32.88 4.26 -26.77
C SER A 54 -32.46 3.29 -27.88
N ASN A 55 -31.65 3.80 -28.80
CA ASN A 55 -31.14 3.04 -29.93
C ASN A 55 -29.94 2.14 -29.60
N VAL A 56 -29.42 2.28 -28.38
CA VAL A 56 -28.17 1.62 -27.98
C VAL A 56 -28.37 0.72 -26.76
N ILE A 57 -27.84 -0.51 -26.84
CA ILE A 57 -27.94 -1.48 -25.76
C ILE A 57 -26.74 -1.39 -24.81
N PHE A 58 -26.99 -1.04 -23.56
CA PHE A 58 -25.93 -0.87 -22.56
C PHE A 58 -25.83 -2.06 -21.62
N LEU A 59 -24.67 -2.70 -21.62
CA LEU A 59 -24.43 -3.92 -20.83
C LEU A 59 -23.27 -3.77 -19.85
N GLU A 60 -23.19 -4.71 -18.91
CA GLU A 60 -22.22 -4.64 -17.82
C GLU A 60 -21.69 -6.04 -17.46
N VAL A 61 -20.37 -6.19 -17.48
CA VAL A 61 -19.72 -7.43 -17.08
C VAL A 61 -18.81 -7.18 -15.87
N ASP A 62 -18.87 -8.07 -14.89
CA ASP A 62 -18.03 -7.97 -13.69
C ASP A 62 -16.88 -8.97 -13.79
N VAL A 63 -15.67 -8.46 -14.00
CA VAL A 63 -14.50 -9.30 -14.30
C VAL A 63 -14.11 -10.29 -13.18
N ASP A 64 -14.41 -9.95 -11.93
CA ASP A 64 -14.18 -10.86 -10.81
C ASP A 64 -15.00 -12.14 -10.95
N ASP A 65 -16.28 -11.98 -11.28
CA ASP A 65 -17.18 -13.12 -11.49
C ASP A 65 -16.89 -13.77 -12.83
N CYS A 66 -16.40 -12.97 -13.78
CA CYS A 66 -16.22 -13.41 -15.16
C CYS A 66 -14.77 -13.29 -15.62
N GLN A 67 -13.84 -13.86 -14.86
CA GLN A 67 -12.42 -13.90 -15.23
C GLN A 67 -12.26 -14.63 -16.57
N ASP A 68 -12.95 -15.75 -16.68
CA ASP A 68 -12.99 -16.57 -17.87
C ASP A 68 -13.43 -15.76 -19.10
N VAL A 69 -14.49 -14.97 -18.94
CA VAL A 69 -15.02 -14.15 -20.03
C VAL A 69 -14.13 -12.95 -20.32
N ALA A 70 -13.62 -12.32 -19.26
CA ALA A 70 -12.74 -11.16 -19.38
C ALA A 70 -11.46 -11.49 -20.14
N SER A 71 -10.92 -12.68 -19.91
CA SER A 71 -9.68 -13.13 -20.54
C SER A 71 -9.87 -13.39 -22.03
N GLU A 72 -10.99 -14.00 -22.40
CA GLU A 72 -11.31 -14.33 -23.80
C GLU A 72 -11.58 -13.07 -24.63
N CYS A 73 -11.91 -11.98 -23.93
CA CYS A 73 -12.15 -10.69 -24.56
C CYS A 73 -10.90 -9.79 -24.53
N GLU A 74 -9.79 -10.38 -24.07
CA GLU A 74 -8.46 -9.73 -24.05
C GLU A 74 -8.45 -8.41 -23.25
N VAL A 75 -9.16 -8.41 -22.12
CA VAL A 75 -9.24 -7.26 -21.23
C VAL A 75 -8.02 -7.23 -20.30
N LYS A 76 -7.24 -6.16 -20.41
CA LYS A 76 -5.99 -6.02 -19.65
C LYS A 76 -6.18 -5.11 -18.44
N CYS A 77 -7.00 -4.08 -18.61
CA CYS A 77 -7.28 -3.10 -17.55
C CYS A 77 -8.73 -2.61 -17.63
N MET A 78 -9.17 -1.90 -16.60
CA MET A 78 -10.56 -1.50 -16.48
C MET A 78 -10.73 -0.05 -15.98
N PRO A 79 -11.78 0.66 -16.46
CA PRO A 79 -12.84 0.14 -17.33
C PRO A 79 -12.41 -0.03 -18.78
N THR A 80 -12.87 -1.11 -19.40
CA THR A 80 -12.73 -1.32 -20.84
C THR A 80 -14.12 -1.36 -21.47
N PHE A 81 -14.30 -0.58 -22.52
CA PHE A 81 -15.56 -0.52 -23.23
C PHE A 81 -15.40 -1.16 -24.61
N GLN A 82 -16.24 -2.15 -24.89
CA GLN A 82 -16.25 -2.81 -26.20
C GLN A 82 -17.60 -2.61 -26.87
N PHE A 83 -17.58 -2.42 -28.18
CA PHE A 83 -18.76 -2.07 -28.96
C PHE A 83 -19.09 -3.15 -30.01
N PHE A 84 -20.37 -3.50 -30.12
CA PHE A 84 -20.79 -4.60 -30.98
C PHE A 84 -21.97 -4.25 -31.88
N LYS A 85 -21.83 -4.54 -33.17
CA LYS A 85 -22.96 -4.57 -34.11
C LYS A 85 -23.17 -5.99 -34.59
N LYS A 86 -24.43 -6.38 -34.76
CA LYS A 86 -24.82 -7.78 -34.96
C LYS A 86 -24.12 -8.63 -33.90
N GLY A 87 -23.36 -9.63 -34.33
CA GLY A 87 -22.56 -10.44 -33.40
C GLY A 87 -21.12 -9.98 -33.27
N GLN A 88 -20.69 -9.11 -34.19
CA GLN A 88 -19.28 -8.78 -34.35
C GLN A 88 -18.84 -7.49 -33.65
N LYS A 89 -17.62 -7.50 -33.14
CA LYS A 89 -17.00 -6.35 -32.49
C LYS A 89 -16.59 -5.33 -33.54
N VAL A 90 -17.00 -4.08 -33.34
CA VAL A 90 -16.79 -3.02 -34.31
C VAL A 90 -15.88 -1.92 -33.78
N GLY A 91 -15.43 -2.08 -32.53
CA GLY A 91 -14.53 -1.11 -31.90
C GLY A 91 -14.34 -1.35 -30.41
N GLU A 92 -13.31 -0.72 -29.84
CA GLU A 92 -13.01 -0.82 -28.42
C GLU A 92 -11.99 0.23 -27.96
N PHE A 93 -12.09 0.62 -26.69
CA PHE A 93 -11.07 1.44 -26.02
C PHE A 93 -11.10 1.18 -24.52
N SER A 94 -10.00 1.53 -23.83
CA SER A 94 -9.92 1.35 -22.38
C SER A 94 -9.65 2.66 -21.61
N GLY A 95 -10.06 2.67 -20.35
CA GLY A 95 -9.86 3.83 -19.47
C GLY A 95 -11.12 4.63 -19.23
N ALA A 96 -11.25 5.19 -18.03
CA ALA A 96 -12.40 6.02 -17.67
C ALA A 96 -12.34 7.40 -18.33
N ASN A 97 -12.73 7.45 -19.60
CA ASN A 97 -12.72 8.66 -20.41
C ASN A 97 -14.16 9.01 -20.82
N LYS A 98 -14.73 10.04 -20.18
CA LYS A 98 -16.12 10.43 -20.44
C LYS A 98 -16.37 10.89 -21.87
N LYS A 99 -15.50 11.76 -22.38
CA LYS A 99 -15.66 12.36 -23.70
C LYS A 99 -15.60 11.32 -24.83
N LYS A 100 -14.60 10.45 -24.78
CA LYS A 100 -14.41 9.42 -25.81
C LYS A 100 -15.54 8.38 -25.83
N LEU A 101 -15.99 7.96 -24.65
CA LEU A 101 -17.11 7.03 -24.52
C LEU A 101 -18.34 7.52 -25.30
N GLU A 102 -18.72 8.77 -25.05
CA GLU A 102 -19.82 9.40 -25.77
C GLU A 102 -19.53 9.48 -27.27
N ALA A 103 -18.33 9.96 -27.62
CA ALA A 103 -17.89 10.08 -29.01
C ALA A 103 -17.95 8.77 -29.80
N THR A 104 -17.56 7.68 -29.13
CA THR A 104 -17.58 6.35 -29.73
C THR A 104 -19.00 5.84 -29.95
N ILE A 105 -19.89 6.17 -29.02
CA ILE A 105 -21.32 5.85 -29.17
C ILE A 105 -21.91 6.61 -30.36
N ASN A 106 -21.65 7.91 -30.42
CA ASN A 106 -22.12 8.76 -31.52
C ASN A 106 -21.59 8.31 -32.89
N LYS A 107 -20.34 7.86 -32.93
CA LYS A 107 -19.70 7.46 -34.18
C LYS A 107 -20.22 6.12 -34.69
N LEU A 108 -20.31 5.13 -33.80
CA LEU A 108 -20.62 3.77 -34.20
C LEU A 108 -22.11 3.43 -34.28
N VAL A 109 -22.96 4.30 -33.74
CA VAL A 109 -24.42 4.10 -33.77
C VAL A 109 -24.94 3.93 -35.21
N THR B 4 21.10 7.31 25.12
CA THR B 4 21.93 8.50 25.51
C THR B 4 23.43 8.21 25.41
N MET B 5 23.81 6.94 25.63
CA MET B 5 25.20 6.50 25.48
C MET B 5 25.41 5.76 24.15
N VAL B 6 24.38 5.78 23.31
CA VAL B 6 24.43 5.17 21.98
C VAL B 6 25.21 6.09 21.04
N LYS B 7 26.16 5.50 20.31
CA LYS B 7 26.97 6.25 19.34
C LYS B 7 26.52 5.94 17.92
N GLN B 8 26.42 6.98 17.11
CA GLN B 8 26.09 6.85 15.70
C GLN B 8 27.31 6.65 14.83
N ILE B 9 27.38 5.49 14.17
CA ILE B 9 28.41 5.24 13.18
C ILE B 9 27.90 5.78 11.85
N GLU B 10 28.58 6.81 11.35
CA GLU B 10 28.19 7.49 10.12
C GLU B 10 29.21 7.26 9.00
N SER B 11 30.16 6.36 9.25
CA SER B 11 31.19 6.01 8.28
C SER B 11 31.78 4.64 8.56
N LYS B 12 32.26 3.97 7.52
CA LYS B 12 32.93 2.68 7.64
C LYS B 12 34.16 2.79 8.55
N THR B 13 34.83 3.94 8.48
CA THR B 13 36.01 4.24 9.30
C THR B 13 35.69 4.34 10.80
N ALA B 14 34.58 5.00 11.12
CA ALA B 14 34.12 5.11 12.51
C ALA B 14 33.79 3.75 13.11
N PHE B 15 33.26 2.86 12.27
CA PHE B 15 32.95 1.48 12.67
C PHE B 15 34.20 0.72 13.11
N GLN B 16 35.25 0.82 12.29
CA GLN B 16 36.52 0.14 12.57
C GLN B 16 37.21 0.73 13.81
N LYS B 17 37.03 2.03 14.03
CA LYS B 17 37.59 2.71 15.20
C LYS B 17 36.89 2.31 16.50
N ALA B 18 35.57 2.47 16.52
CA ALA B 18 34.76 2.17 17.71
C ALA B 18 35.05 0.78 18.28
N LEU B 19 35.26 -0.20 17.41
CA LEU B 19 35.59 -1.58 17.82
C LEU B 19 36.94 -1.67 18.52
N LYS B 20 37.88 -0.83 18.10
CA LYS B 20 39.23 -0.77 18.69
C LYS B 20 39.21 -0.11 20.06
N ALA B 21 38.48 1.01 20.17
CA ALA B 21 38.36 1.77 21.43
C ALA B 21 37.60 1.01 22.51
N ALA B 22 36.77 0.05 22.09
CA ALA B 22 36.02 -0.79 23.00
C ALA B 22 36.92 -1.69 23.86
N GLY B 23 38.02 -2.15 23.28
CA GLY B 23 38.95 -3.05 23.97
C GLY B 23 38.35 -4.42 24.22
N ASP B 24 38.27 -4.80 25.50
CA ASP B 24 37.75 -6.10 25.90
C ASP B 24 36.24 -6.09 26.21
N LYS B 25 35.59 -4.97 25.87
CA LYS B 25 34.16 -4.79 26.12
C LYS B 25 33.31 -5.36 24.99
N LEU B 26 32.13 -5.86 25.34
CA LEU B 26 31.12 -6.28 24.35
C LEU B 26 30.63 -5.07 23.54
N VAL B 27 30.52 -5.25 22.23
CA VAL B 27 30.01 -4.22 21.35
C VAL B 27 28.69 -4.67 20.73
N VAL B 28 27.61 -3.93 21.02
CA VAL B 28 26.31 -4.18 20.41
C VAL B 28 26.08 -3.20 19.27
N VAL B 29 25.86 -3.72 18.07
CA VAL B 29 25.54 -2.87 16.93
C VAL B 29 24.08 -3.07 16.51
N ASP B 30 23.35 -1.97 16.36
CA ASP B 30 21.97 -1.99 15.88
C ASP B 30 21.92 -1.49 14.42
N PHE B 31 21.68 -2.43 13.51
CA PHE B 31 21.45 -2.10 12.09
C PHE B 31 19.96 -1.81 11.87
N SER B 32 19.63 -0.55 11.59
CA SER B 32 18.25 -0.13 11.39
C SER B 32 18.09 1.01 10.38
N ALA B 33 16.85 1.42 10.17
CA ALA B 33 16.53 2.54 9.28
C ALA B 33 15.41 3.41 9.86
N THR B 34 15.36 4.66 9.41
CA THR B 34 14.41 5.64 9.92
C THR B 34 12.95 5.36 9.50
N TRP B 35 12.77 4.55 8.46
CA TRP B 35 11.44 4.19 7.95
C TRP B 35 10.94 2.86 8.48
N CYS B 36 11.79 2.19 9.27
CA CYS B 36 11.52 0.85 9.76
C CYS B 36 10.57 0.89 10.95
N GLY B 37 9.45 0.20 10.80
CA GLY B 37 8.40 0.15 11.81
C GLY B 37 8.82 -0.38 13.18
N PRO B 38 9.27 -1.66 13.24
CA PRO B 38 9.64 -2.27 14.52
C PRO B 38 10.93 -1.71 15.11
N CYS B 39 11.74 -1.04 14.28
CA CYS B 39 12.92 -0.33 14.77
C CYS B 39 12.54 0.81 15.72
N LYS B 40 11.59 1.64 15.28
CA LYS B 40 11.09 2.76 16.09
C LYS B 40 10.43 2.26 17.39
N MET B 41 9.86 1.05 17.31
CA MET B 41 9.20 0.40 18.45
C MET B 41 10.20 -0.02 19.54
N ILE B 42 11.35 -0.55 19.13
CA ILE B 42 12.38 -1.06 20.06
C ILE B 42 13.49 -0.06 20.38
N LYS B 43 13.55 1.05 19.64
CA LYS B 43 14.64 2.03 19.78
C LYS B 43 14.73 2.68 21.18
N PRO B 44 13.59 3.05 21.80
CA PRO B 44 13.66 3.62 23.16
C PRO B 44 14.17 2.64 24.21
N PHE B 45 14.00 1.33 23.94
CA PHE B 45 14.50 0.29 24.81
C PHE B 45 16.01 0.14 24.66
N PHE B 46 16.48 0.18 23.41
CA PHE B 46 17.90 0.07 23.09
C PHE B 46 18.71 1.20 23.72
N HIS B 47 18.18 2.43 23.63
CA HIS B 47 18.83 3.61 24.19
C HIS B 47 18.86 3.60 25.72
N SER B 48 17.83 3.03 26.35
CA SER B 48 17.78 2.93 27.80
C SER B 48 18.76 1.88 28.35
N LEU B 49 18.92 0.77 27.62
CA LEU B 49 19.89 -0.27 27.98
C LEU B 49 21.33 0.25 27.95
N SER B 50 21.58 1.24 27.09
CA SER B 50 22.93 1.81 26.94
C SER B 50 23.38 2.58 28.18
N GLU B 51 22.44 3.10 28.96
CA GLU B 51 22.78 3.76 30.22
C GLU B 51 22.57 2.86 31.44
N LYS B 52 22.49 1.56 31.18
CA LYS B 52 22.33 0.54 32.22
C LYS B 52 23.49 -0.48 32.15
N TYR B 53 24.31 -0.37 31.10
CA TYR B 53 25.46 -1.24 30.90
C TYR B 53 26.71 -0.42 30.56
N SER B 54 27.52 -0.12 31.58
CA SER B 54 28.75 0.65 31.42
C SER B 54 29.89 -0.20 30.85
N ASN B 55 29.75 -1.51 30.99
CA ASN B 55 30.72 -2.47 30.48
C ASN B 55 30.50 -2.86 29.01
N VAL B 56 29.49 -2.23 28.38
CA VAL B 56 29.07 -2.60 27.04
C VAL B 56 28.96 -1.36 26.13
N ILE B 57 29.55 -1.45 24.94
CA ILE B 57 29.53 -0.35 23.96
C ILE B 57 28.36 -0.50 22.97
N PHE B 58 27.43 0.44 23.03
CA PHE B 58 26.24 0.44 22.17
C PHE B 58 26.42 1.32 20.95
N LEU B 59 26.23 0.73 19.77
CA LEU B 59 26.45 1.43 18.50
C LEU B 59 25.20 1.44 17.61
N GLU B 60 25.18 2.31 16.61
CA GLU B 60 24.01 2.49 15.75
C GLU B 60 24.43 2.75 14.31
N VAL B 61 24.02 1.87 13.40
CA VAL B 61 24.29 2.01 11.96
C VAL B 61 22.98 2.19 11.19
N ASP B 62 22.98 3.14 10.25
CA ASP B 62 21.82 3.39 9.40
C ASP B 62 22.04 2.74 8.04
N VAL B 63 21.21 1.73 7.72
CA VAL B 63 21.44 0.93 6.51
C VAL B 63 21.17 1.67 5.19
N ASP B 64 20.36 2.73 5.26
CA ASP B 64 20.17 3.62 4.12
C ASP B 64 21.45 4.39 3.82
N ASP B 65 22.04 4.99 4.85
CA ASP B 65 23.33 5.68 4.75
C ASP B 65 24.46 4.72 4.45
N CYS B 66 24.36 3.52 5.00
CA CYS B 66 25.43 2.52 4.91
C CYS B 66 24.95 1.23 4.25
N GLN B 67 24.51 1.34 3.00
CA GLN B 67 24.16 0.17 2.19
C GLN B 67 25.38 -0.74 2.02
N ASP B 68 26.54 -0.12 1.80
CA ASP B 68 27.82 -0.83 1.68
C ASP B 68 28.17 -1.65 2.92
N VAL B 69 27.98 -1.05 4.11
CA VAL B 69 28.34 -1.69 5.37
C VAL B 69 27.30 -2.74 5.76
N ALA B 70 26.03 -2.43 5.54
CA ALA B 70 24.93 -3.34 5.87
C ALA B 70 25.03 -4.65 5.11
N SER B 71 25.40 -4.55 3.83
CA SER B 71 25.48 -5.72 2.95
C SER B 71 26.59 -6.68 3.35
N GLU B 72 27.78 -6.13 3.62
CA GLU B 72 28.96 -6.92 4.00
C GLU B 72 28.82 -7.53 5.39
N CYS B 73 27.89 -6.97 6.18
CA CYS B 73 27.54 -7.53 7.49
C CYS B 73 26.40 -8.53 7.37
N GLU B 74 25.95 -8.76 6.13
CA GLU B 74 24.92 -9.76 5.80
C GLU B 74 23.57 -9.50 6.48
N VAL B 75 23.22 -8.22 6.57
CA VAL B 75 21.95 -7.77 7.15
C VAL B 75 20.82 -7.93 6.14
N LYS B 76 19.86 -8.81 6.45
CA LYS B 76 18.76 -9.12 5.55
C LYS B 76 17.49 -8.35 5.91
N CYS B 77 17.32 -8.05 7.19
CA CYS B 77 16.14 -7.32 7.69
C CYS B 77 16.46 -6.56 8.96
N MET B 78 15.61 -5.59 9.31
CA MET B 78 15.83 -4.69 10.43
C MET B 78 14.74 -4.80 11.50
N PRO B 79 15.10 -4.73 12.79
CA PRO B 79 16.47 -4.53 13.27
C PRO B 79 17.30 -5.81 13.38
N THR B 80 18.54 -5.74 12.93
CA THR B 80 19.52 -6.79 13.18
C THR B 80 20.52 -6.30 14.24
N PHE B 81 20.69 -7.09 15.30
CA PHE B 81 21.64 -6.77 16.34
C PHE B 81 22.83 -7.73 16.26
N GLN B 82 24.03 -7.17 16.10
CA GLN B 82 25.26 -7.96 16.08
C GLN B 82 26.19 -7.61 17.24
N PHE B 83 26.90 -8.61 17.74
CA PHE B 83 27.69 -8.49 18.96
C PHE B 83 29.17 -8.81 18.70
N PHE B 84 30.06 -7.96 19.22
CA PHE B 84 31.49 -8.10 18.97
C PHE B 84 32.34 -8.05 20.25
N LYS B 85 33.16 -9.07 20.47
CA LYS B 85 34.24 -9.00 21.47
C LYS B 85 35.57 -8.95 20.75
N LYS B 86 36.45 -8.05 21.20
CA LYS B 86 37.62 -7.62 20.42
C LYS B 86 37.14 -7.14 19.06
N GLY B 87 37.80 -7.59 17.99
CA GLY B 87 37.33 -7.30 16.63
C GLY B 87 36.41 -8.38 16.09
N GLN B 88 36.29 -9.48 16.82
CA GLN B 88 35.59 -10.68 16.35
C GLN B 88 34.12 -10.73 16.74
N LYS B 89 33.27 -11.08 15.77
CA LYS B 89 31.85 -11.28 16.02
C LYS B 89 31.65 -12.56 16.80
N VAL B 90 30.83 -12.49 17.85
CA VAL B 90 30.66 -13.58 18.80
C VAL B 90 29.20 -14.04 18.90
N GLY B 91 28.30 -13.34 18.20
CA GLY B 91 26.88 -13.69 18.16
C GLY B 91 26.04 -12.70 17.38
N GLU B 92 24.81 -13.09 17.05
CA GLU B 92 23.87 -12.24 16.32
C GLU B 92 22.45 -12.80 16.26
N PHE B 93 21.49 -11.91 16.10
CA PHE B 93 20.09 -12.27 15.84
C PHE B 93 19.38 -11.10 15.15
N SER B 94 18.21 -11.36 14.57
CA SER B 94 17.43 -10.30 13.94
C SER B 94 16.00 -10.21 14.50
N GLY B 95 15.40 -9.03 14.36
CA GLY B 95 14.03 -8.79 14.80
C GLY B 95 13.96 -8.01 16.11
N ALA B 96 12.93 -7.19 16.24
CA ALA B 96 12.70 -6.41 17.45
C ALA B 96 12.18 -7.30 18.58
N ASN B 97 13.10 -7.93 19.29
CA ASN B 97 12.80 -8.84 20.38
C ASN B 97 13.45 -8.36 21.68
N LYS B 98 12.67 -7.62 22.48
CA LYS B 98 13.18 -7.01 23.73
C LYS B 98 13.82 -8.01 24.70
N LYS B 99 13.22 -9.19 24.86
CA LYS B 99 13.74 -10.22 25.74
C LYS B 99 15.13 -10.73 25.31
N LYS B 100 15.22 -11.19 24.07
CA LYS B 100 16.46 -11.77 23.54
C LYS B 100 17.61 -10.77 23.52
N LEU B 101 17.32 -9.52 23.15
CA LEU B 101 18.32 -8.45 23.15
C LEU B 101 19.03 -8.32 24.51
N GLU B 102 18.25 -8.19 25.57
CA GLU B 102 18.78 -8.09 26.92
C GLU B 102 19.47 -9.39 27.35
N ALA B 103 18.84 -10.53 27.03
CA ALA B 103 19.38 -11.84 27.37
C ALA B 103 20.75 -12.09 26.72
N THR B 104 20.90 -11.68 25.47
CA THR B 104 22.17 -11.83 24.74
C THR B 104 23.28 -10.98 25.36
N ILE B 105 22.94 -9.74 25.72
CA ILE B 105 23.90 -8.83 26.37
C ILE B 105 24.38 -9.45 27.69
N ASN B 106 23.45 -9.93 28.51
CA ASN B 106 23.77 -10.58 29.77
C ASN B 106 24.59 -11.87 29.60
N LYS B 107 24.31 -12.61 28.52
CA LYS B 107 24.99 -13.87 28.24
C LYS B 107 26.41 -13.67 27.71
N LEU B 108 26.55 -12.74 26.76
CA LEU B 108 27.83 -12.55 26.07
C LEU B 108 28.75 -11.51 26.70
N VAL B 109 28.31 -10.88 27.80
CA VAL B 109 29.09 -9.86 28.50
C VAL B 109 30.44 -10.38 28.99
N THR C 4 -3.37 9.93 8.28
CA THR C 4 -2.69 10.53 7.10
C THR C 4 -3.34 11.83 6.64
N MET C 5 -2.52 12.73 6.11
CA MET C 5 -3.01 14.00 5.53
C MET C 5 -2.56 14.17 4.08
N VAL C 6 -2.40 13.06 3.37
CA VAL C 6 -2.00 13.05 1.97
C VAL C 6 -3.24 13.10 1.08
N LYS C 7 -3.25 14.03 0.11
CA LYS C 7 -4.36 14.16 -0.82
C LYS C 7 -4.09 13.37 -2.10
N GLN C 8 -5.09 12.61 -2.53
CA GLN C 8 -5.02 11.87 -3.79
C GLN C 8 -5.39 12.80 -4.94
N ILE C 9 -4.47 12.94 -5.90
CA ILE C 9 -4.72 13.71 -7.11
C ILE C 9 -4.81 12.74 -8.27
N GLU C 10 -5.96 12.75 -8.94
CA GLU C 10 -6.28 11.74 -9.96
C GLU C 10 -6.21 12.23 -11.41
N SER C 11 -6.06 13.54 -11.61
CA SER C 11 -6.01 14.13 -12.94
C SER C 11 -5.06 15.32 -13.03
N LYS C 12 -4.75 15.74 -14.26
CA LYS C 12 -3.90 16.91 -14.50
C LYS C 12 -4.57 18.22 -14.07
N THR C 13 -5.90 18.27 -14.23
CA THR C 13 -6.71 19.40 -13.78
C THR C 13 -6.62 19.55 -12.27
N ALA C 14 -6.91 18.47 -11.55
CA ALA C 14 -6.86 18.45 -10.08
C ALA C 14 -5.50 18.87 -9.54
N PHE C 15 -4.43 18.51 -10.25
CA PHE C 15 -3.05 18.86 -9.88
C PHE C 15 -2.79 20.36 -10.02
N GLN C 16 -3.32 20.97 -11.08
CA GLN C 16 -3.18 22.41 -11.29
C GLN C 16 -3.99 23.19 -10.25
N LYS C 17 -5.18 22.69 -9.94
CA LYS C 17 -6.05 23.30 -8.93
C LYS C 17 -5.48 23.16 -7.51
N ALA C 18 -4.70 22.09 -7.29
CA ALA C 18 -4.11 21.82 -5.98
C ALA C 18 -2.92 22.73 -5.68
N LEU C 19 -2.09 22.96 -6.70
CA LEU C 19 -0.91 23.83 -6.57
C LEU C 19 -1.28 25.30 -6.40
N LYS C 20 -2.46 25.68 -6.90
CA LYS C 20 -2.96 27.04 -6.79
C LYS C 20 -3.56 27.30 -5.41
N ALA C 21 -4.40 26.37 -4.95
CA ALA C 21 -5.04 26.48 -3.62
C ALA C 21 -4.03 26.25 -2.50
N ALA C 22 -2.76 26.53 -2.79
CA ALA C 22 -1.67 26.41 -1.83
C ALA C 22 -1.10 27.78 -1.47
N GLY C 23 -0.90 28.62 -2.49
CA GLY C 23 -0.34 29.95 -2.31
C GLY C 23 1.15 29.92 -2.04
N ASP C 24 1.51 30.06 -0.76
CA ASP C 24 2.90 30.07 -0.32
C ASP C 24 3.41 28.68 0.07
N LYS C 25 2.52 27.86 0.61
CA LYS C 25 2.85 26.56 1.20
C LYS C 25 3.72 25.71 0.29
N LEU C 26 4.71 25.05 0.88
CA LEU C 26 5.51 24.04 0.19
C LEU C 26 4.62 22.83 -0.11
N VAL C 27 4.82 22.24 -1.28
CA VAL C 27 4.05 21.07 -1.69
C VAL C 27 5.01 19.92 -2.00
N VAL C 28 4.88 18.82 -1.26
CA VAL C 28 5.65 17.61 -1.53
C VAL C 28 4.79 16.65 -2.34
N VAL C 29 5.32 16.19 -3.47
CA VAL C 29 4.54 15.33 -4.37
C VAL C 29 5.25 14.03 -4.70
N ASP C 30 4.49 12.94 -4.62
CA ASP C 30 4.93 11.62 -5.03
C ASP C 30 4.13 11.20 -6.26
N PHE C 31 4.84 10.90 -7.35
CA PHE C 31 4.23 10.59 -8.64
C PHE C 31 4.20 9.09 -8.96
N SER C 32 4.92 8.30 -8.19
CA SER C 32 5.02 6.86 -8.41
C SER C 32 3.92 6.08 -7.69
N ALA C 33 2.80 5.88 -8.40
CA ALA C 33 1.67 5.11 -7.86
C ALA C 33 1.64 3.72 -8.48
N THR C 34 1.96 2.70 -7.68
CA THR C 34 2.11 1.33 -8.16
C THR C 34 1.02 0.42 -7.64
N TRP C 35 0.44 -0.37 -8.53
CA TRP C 35 -0.62 -1.32 -8.17
C TRP C 35 -0.28 -2.73 -8.63
N CYS C 36 -0.82 -3.71 -7.91
CA CYS C 36 -0.88 -5.09 -8.38
C CYS C 36 -2.32 -5.57 -8.24
N GLY C 37 -3.07 -5.54 -9.33
CA GLY C 37 -4.51 -5.82 -9.28
C GLY C 37 -5.18 -4.85 -8.32
N PRO C 38 -6.00 -5.38 -7.41
CA PRO C 38 -6.66 -4.57 -6.38
C PRO C 38 -5.72 -4.03 -5.30
N CYS C 39 -4.44 -4.43 -5.35
CA CYS C 39 -3.47 -4.03 -4.33
C CYS C 39 -2.68 -2.77 -4.71
N LYS C 40 -2.48 -1.89 -3.73
CA LYS C 40 -1.78 -0.62 -3.93
C LYS C 40 -0.48 -0.53 -3.11
N MET C 41 0.58 -0.08 -3.78
CA MET C 41 1.88 0.11 -3.14
C MET C 41 2.01 1.53 -2.60
N ILE C 42 2.13 1.66 -1.28
CA ILE C 42 2.26 2.95 -0.61
C ILE C 42 3.54 3.02 0.21
N LYS C 43 3.95 4.23 0.55
CA LYS C 43 5.04 4.42 1.51
C LYS C 43 4.50 5.02 2.82
N PRO C 44 4.30 4.15 3.84
CA PRO C 44 3.87 4.59 5.16
C PRO C 44 4.73 5.73 5.75
N PHE C 45 6.03 5.75 5.43
CA PHE C 45 6.90 6.80 5.95
C PHE C 45 6.56 8.18 5.39
N PHE C 46 5.97 8.20 4.19
CA PHE C 46 5.52 9.44 3.55
C PHE C 46 4.24 9.95 4.22
N HIS C 47 3.28 9.04 4.42
CA HIS C 47 2.01 9.36 5.09
C HIS C 47 2.25 9.81 6.52
N SER C 48 3.05 9.05 7.25
CA SER C 48 3.41 9.39 8.63
C SER C 48 3.93 10.83 8.75
N LEU C 49 4.82 11.21 7.83
CA LEU C 49 5.36 12.58 7.80
C LEU C 49 4.28 13.64 7.58
N SER C 50 3.30 13.33 6.74
CA SER C 50 2.24 14.29 6.40
C SER C 50 1.38 14.69 7.59
N GLU C 51 1.38 13.85 8.64
CA GLU C 51 0.66 14.10 9.88
C GLU C 51 1.34 15.18 10.73
N LYS C 52 2.66 15.31 10.58
CA LYS C 52 3.44 16.29 11.34
C LYS C 52 3.22 17.72 10.90
N TYR C 53 3.11 17.93 9.59
CA TYR C 53 3.18 19.26 8.99
C TYR C 53 1.84 19.84 8.56
N SER C 54 1.32 20.76 9.36
CA SER C 54 0.03 21.41 9.09
C SER C 54 0.17 22.76 8.36
N ASN C 55 1.27 22.89 7.61
CA ASN C 55 1.53 24.04 6.76
C ASN C 55 2.19 23.62 5.45
N VAL C 56 2.42 22.32 5.32
CA VAL C 56 3.02 21.73 4.13
C VAL C 56 2.02 20.73 3.53
N ILE C 57 1.72 20.89 2.24
CA ILE C 57 0.76 20.04 1.54
C ILE C 57 1.43 18.81 0.93
N PHE C 58 0.86 17.64 1.19
CA PHE C 58 1.37 16.39 0.68
C PHE C 58 0.41 15.81 -0.35
N LEU C 59 0.90 15.58 -1.56
CA LEU C 59 0.04 15.07 -2.65
C LEU C 59 0.57 13.78 -3.26
N GLU C 60 -0.36 12.93 -3.69
CA GLU C 60 -0.05 11.72 -4.46
C GLU C 60 -0.76 11.81 -5.79
N VAL C 61 0.00 11.88 -6.88
CA VAL C 61 -0.55 12.12 -8.21
C VAL C 61 -0.56 10.85 -9.07
N ASP C 62 -1.76 10.44 -9.48
CA ASP C 62 -1.93 9.28 -10.34
C ASP C 62 -2.84 9.64 -11.52
N VAL C 63 -2.24 9.85 -12.68
CA VAL C 63 -2.96 10.28 -13.89
C VAL C 63 -3.76 9.12 -14.50
N ASP C 64 -3.14 7.94 -14.52
CA ASP C 64 -3.69 6.69 -15.08
C ASP C 64 -5.20 6.48 -14.84
N ASP C 65 -5.93 6.24 -15.93
CA ASP C 65 -7.39 6.10 -15.87
C ASP C 65 -7.90 4.66 -16.04
N CYS C 66 -6.98 3.70 -16.00
CA CYS C 66 -7.30 2.30 -16.18
C CYS C 66 -6.56 1.48 -15.14
N GLN C 67 -7.22 0.47 -14.59
CA GLN C 67 -6.62 -0.40 -13.57
C GLN C 67 -6.38 -1.82 -14.07
N ASP C 68 -5.11 -2.26 -14.01
CA ASP C 68 -4.73 -3.60 -14.46
C ASP C 68 -5.34 -4.70 -13.60
N VAL C 69 -5.73 -5.80 -14.24
CA VAL C 69 -6.39 -6.93 -13.59
C VAL C 69 -5.40 -7.90 -12.93
N ALA C 70 -4.17 -7.95 -13.45
CA ALA C 70 -3.11 -8.85 -13.02
C ALA C 70 -2.94 -9.01 -11.49
N SER C 71 -2.83 -10.25 -11.02
CA SER C 71 -2.69 -10.53 -9.58
C SER C 71 -1.25 -10.83 -9.12
N GLU C 72 -0.36 -11.15 -10.06
CA GLU C 72 1.05 -11.47 -9.75
C GLU C 72 1.97 -10.45 -10.41
N CYS C 73 2.65 -9.65 -9.61
CA CYS C 73 3.47 -8.57 -10.17
C CYS C 73 4.92 -8.56 -9.73
N GLU C 74 5.71 -7.78 -10.45
CA GLU C 74 7.12 -7.59 -10.18
C GLU C 74 7.30 -6.12 -9.85
N VAL C 75 7.51 -5.82 -8.57
CA VAL C 75 7.58 -4.43 -8.11
C VAL C 75 8.99 -3.90 -7.90
N LYS C 76 9.10 -2.58 -7.83
CA LYS C 76 10.32 -1.87 -7.44
C LYS C 76 9.93 -0.75 -6.47
N CYS C 77 10.67 -0.64 -5.37
CA CYS C 77 10.40 0.43 -4.41
C CYS C 77 11.56 1.43 -4.33
N MET C 78 11.51 2.43 -5.20
CA MET C 78 12.54 3.47 -5.28
C MET C 78 11.91 4.86 -5.11
N PRO C 79 11.70 5.30 -3.85
CA PRO C 79 10.96 6.54 -3.62
C PRO C 79 11.71 7.80 -4.05
N THR C 80 11.06 8.61 -4.89
CA THR C 80 11.54 9.94 -5.24
C THR C 80 10.40 10.95 -5.07
N PHE C 81 10.72 12.13 -4.53
CA PHE C 81 9.69 13.13 -4.24
C PHE C 81 10.04 14.46 -4.88
N GLN C 82 9.01 15.28 -5.11
CA GLN C 82 9.17 16.54 -5.82
C GLN C 82 8.56 17.69 -5.01
N PHE C 83 9.29 18.80 -4.95
CA PHE C 83 8.84 19.96 -4.20
C PHE C 83 8.42 21.10 -5.12
N PHE C 84 7.24 21.65 -4.84
CA PHE C 84 6.70 22.74 -5.63
C PHE C 84 6.30 23.90 -4.74
N LYS C 85 6.85 25.07 -5.02
CA LYS C 85 6.44 26.30 -4.33
C LYS C 85 5.87 27.31 -5.33
N LYS C 86 4.67 27.81 -5.03
CA LYS C 86 3.94 28.74 -5.89
C LYS C 86 3.95 28.29 -7.36
N GLY C 87 3.52 27.04 -7.59
CA GLY C 87 3.44 26.48 -8.93
C GLY C 87 4.77 26.11 -9.58
N GLN C 88 5.87 26.48 -8.95
CA GLN C 88 7.21 26.29 -9.50
C GLN C 88 7.97 25.19 -8.77
N LYS C 89 8.49 24.22 -9.52
CA LYS C 89 9.36 23.17 -8.96
C LYS C 89 10.58 23.79 -8.29
N VAL C 90 10.85 23.37 -7.06
CA VAL C 90 11.96 23.93 -6.28
C VAL C 90 13.01 22.91 -5.82
N GLY C 91 12.82 21.64 -6.18
CA GLY C 91 13.79 20.60 -5.82
C GLY C 91 13.22 19.19 -5.75
N GLU C 92 14.09 18.22 -5.54
CA GLU C 92 13.71 16.82 -5.47
C GLU C 92 14.52 16.04 -4.43
N PHE C 93 13.98 14.90 -4.00
CA PHE C 93 14.63 14.03 -3.02
C PHE C 93 14.49 12.56 -3.44
N SER C 94 15.55 11.78 -3.25
CA SER C 94 15.53 10.34 -3.56
C SER C 94 15.96 9.49 -2.38
N GLY C 95 15.44 8.27 -2.32
CA GLY C 95 15.73 7.37 -1.22
C GLY C 95 14.62 7.33 -0.18
N ALA C 96 14.79 6.44 0.79
CA ALA C 96 13.76 6.16 1.79
C ALA C 96 14.09 6.76 3.16
N ASN C 97 15.10 7.63 3.20
CA ASN C 97 15.57 8.19 4.47
C ASN C 97 14.58 9.22 5.01
N LYS C 98 13.80 8.80 6.00
CA LYS C 98 12.78 9.66 6.61
C LYS C 98 13.39 10.90 7.24
N LYS C 99 14.53 10.71 7.92
CA LYS C 99 15.22 11.80 8.64
C LYS C 99 15.71 12.92 7.70
N LYS C 100 16.35 12.52 6.61
CA LYS C 100 16.93 13.47 5.65
C LYS C 100 15.89 14.16 4.78
N LEU C 101 14.77 13.47 4.52
CA LEU C 101 13.67 14.04 3.75
C LEU C 101 13.00 15.14 4.57
N GLU C 102 12.84 14.87 5.86
CA GLU C 102 12.32 15.84 6.81
C GLU C 102 13.19 17.10 6.83
N ALA C 103 14.51 16.90 6.76
CA ALA C 103 15.48 17.99 6.69
C ALA C 103 15.36 18.78 5.39
N THR C 104 14.99 18.09 4.30
CA THR C 104 14.77 18.76 3.02
C THR C 104 13.48 19.60 3.04
N ILE C 105 12.42 19.06 3.63
CA ILE C 105 11.16 19.81 3.79
C ILE C 105 11.38 21.07 4.62
N ASN C 106 12.08 20.91 5.75
CA ASN C 106 12.37 22.04 6.64
C ASN C 106 13.27 23.08 6.00
N LYS C 107 14.12 22.63 5.06
CA LYS C 107 15.02 23.51 4.31
C LYS C 107 14.30 24.36 3.25
N LEU C 108 13.16 23.86 2.76
CA LEU C 108 12.47 24.48 1.62
C LEU C 108 11.13 25.15 1.97
N VAL C 109 10.76 25.15 3.25
CA VAL C 109 9.47 25.74 3.66
C VAL C 109 9.58 27.24 3.98
N THR D 4 -10.10 6.09 6.71
CA THR D 4 -9.95 4.64 7.05
C THR D 4 -10.15 4.38 8.54
N MET D 5 -10.80 3.25 8.85
CA MET D 5 -11.04 2.85 10.25
C MET D 5 -10.41 1.48 10.60
N VAL D 6 -9.55 0.99 9.72
CA VAL D 6 -8.82 -0.28 9.92
C VAL D 6 -7.74 -0.10 11.00
N LYS D 7 -7.67 -1.05 11.92
CA LYS D 7 -6.68 -1.02 13.01
C LYS D 7 -5.49 -1.93 12.73
N GLN D 8 -4.29 -1.40 12.95
CA GLN D 8 -3.05 -2.17 12.83
C GLN D 8 -2.84 -2.98 14.10
N ILE D 9 -2.53 -4.26 13.94
CA ILE D 9 -2.23 -5.15 15.05
C ILE D 9 -0.88 -5.80 14.83
N GLU D 10 0.05 -5.56 15.76
CA GLU D 10 1.45 -5.92 15.57
C GLU D 10 1.96 -7.11 16.39
N SER D 11 1.11 -7.69 17.23
CA SER D 11 1.49 -8.85 18.04
C SER D 11 0.32 -9.80 18.30
N LYS D 12 0.66 -11.04 18.69
CA LYS D 12 -0.35 -12.04 19.07
C LYS D 12 -1.14 -11.59 20.31
N THR D 13 -0.44 -10.91 21.23
CA THR D 13 -1.04 -10.33 22.43
C THR D 13 -2.11 -9.30 22.06
N ALA D 14 -1.70 -8.26 21.33
CA ALA D 14 -2.59 -7.17 20.91
C ALA D 14 -3.82 -7.66 20.14
N PHE D 15 -3.66 -8.77 19.40
CA PHE D 15 -4.76 -9.38 18.66
C PHE D 15 -5.76 -10.07 19.58
N GLN D 16 -5.26 -10.61 20.70
CA GLN D 16 -6.13 -11.22 21.70
C GLN D 16 -6.92 -10.16 22.47
N LYS D 17 -6.26 -9.04 22.77
CA LYS D 17 -6.89 -7.91 23.47
C LYS D 17 -7.91 -7.17 22.61
N ALA D 18 -7.73 -7.26 21.28
CA ALA D 18 -8.63 -6.61 20.33
C ALA D 18 -9.96 -7.34 20.16
N LEU D 19 -9.91 -8.67 20.23
CA LEU D 19 -11.10 -9.51 20.08
C LEU D 19 -12.02 -9.47 21.31
N LYS D 20 -11.44 -9.16 22.46
CA LYS D 20 -12.20 -9.04 23.71
C LYS D 20 -12.91 -7.69 23.78
N ALA D 21 -12.22 -6.63 23.36
CA ALA D 21 -12.80 -5.29 23.33
C ALA D 21 -13.92 -5.17 22.30
N ALA D 22 -14.16 -6.25 21.55
CA ALA D 22 -15.22 -6.30 20.55
C ALA D 22 -16.56 -6.62 21.19
N GLY D 23 -16.58 -7.64 22.04
CA GLY D 23 -17.80 -8.11 22.67
C GLY D 23 -18.69 -8.82 21.68
N ASP D 24 -19.68 -8.08 21.15
CA ASP D 24 -20.66 -8.61 20.20
C ASP D 24 -20.24 -8.42 18.75
N LYS D 25 -19.66 -7.26 18.45
CA LYS D 25 -19.35 -6.81 17.10
C LYS D 25 -18.63 -7.87 16.27
N LEU D 26 -19.02 -7.98 15.01
CA LEU D 26 -18.31 -8.80 14.04
C LEU D 26 -16.94 -8.17 13.77
N VAL D 27 -15.94 -9.03 13.58
CA VAL D 27 -14.58 -8.58 13.33
C VAL D 27 -14.08 -9.17 12.01
N VAL D 28 -13.62 -8.31 11.11
CA VAL D 28 -13.01 -8.76 9.86
C VAL D 28 -11.50 -8.56 9.94
N VAL D 29 -10.74 -9.61 9.58
CA VAL D 29 -9.29 -9.58 9.75
C VAL D 29 -8.56 -9.91 8.45
N ASP D 30 -7.50 -9.14 8.17
CA ASP D 30 -6.58 -9.42 7.07
C ASP D 30 -5.18 -9.73 7.61
N PHE D 31 -4.67 -10.91 7.27
CA PHE D 31 -3.38 -11.40 7.79
C PHE D 31 -2.24 -11.27 6.77
N SER D 32 -2.59 -11.04 5.51
CA SER D 32 -1.63 -10.90 4.42
C SER D 32 -1.04 -9.48 4.40
N ALA D 33 0.09 -9.30 5.10
CA ALA D 33 0.75 -8.00 5.15
C ALA D 33 2.07 -8.00 4.37
N THR D 34 1.97 -7.72 3.07
CA THR D 34 3.12 -7.78 2.17
C THR D 34 3.83 -6.43 2.09
N TRP D 35 5.16 -6.47 2.27
CA TRP D 35 6.01 -5.29 2.09
C TRP D 35 7.05 -5.54 1.01
N CYS D 36 7.58 -4.47 0.45
CA CYS D 36 8.78 -4.51 -0.38
C CYS D 36 9.64 -3.31 -0.02
N GLY D 37 10.72 -3.55 0.70
CA GLY D 37 11.51 -2.48 1.30
C GLY D 37 10.62 -1.63 2.19
N PRO D 38 10.76 -0.29 2.09
CA PRO D 38 9.90 0.65 2.82
C PRO D 38 8.45 0.70 2.33
N CYS D 39 8.18 0.14 1.15
CA CYS D 39 6.85 0.14 0.57
C CYS D 39 5.94 -0.93 1.17
N LYS D 40 4.65 -0.63 1.28
CA LYS D 40 3.66 -1.59 1.80
C LYS D 40 2.53 -1.85 0.80
N MET D 41 2.08 -3.10 0.74
CA MET D 41 0.98 -3.51 -0.12
C MET D 41 -0.33 -3.52 0.65
N ILE D 42 -1.26 -2.65 0.25
CA ILE D 42 -2.57 -2.53 0.91
C ILE D 42 -3.69 -2.69 -0.10
N LYS D 43 -4.87 -3.07 0.38
CA LYS D 43 -6.07 -3.09 -0.46
C LYS D 43 -7.03 -1.95 -0.09
N PRO D 44 -7.04 -0.87 -0.90
CA PRO D 44 -7.92 0.29 -0.70
C PRO D 44 -9.40 -0.05 -0.55
N PHE D 45 -9.87 -1.09 -1.21
CA PHE D 45 -11.28 -1.49 -1.10
C PHE D 45 -11.65 -1.97 0.29
N PHE D 46 -10.69 -2.61 0.96
CA PHE D 46 -10.86 -3.11 2.32
C PHE D 46 -10.95 -1.95 3.30
N HIS D 47 -10.06 -0.96 3.13
CA HIS D 47 -10.07 0.25 3.94
C HIS D 47 -11.34 1.06 3.70
N SER D 48 -11.72 1.18 2.44
CA SER D 48 -12.93 1.92 2.06
C SER D 48 -14.19 1.34 2.73
N LEU D 49 -14.29 0.02 2.79
CA LEU D 49 -15.41 -0.63 3.47
C LEU D 49 -15.49 -0.28 4.95
N SER D 50 -14.32 -0.22 5.60
CA SER D 50 -14.26 0.06 7.04
C SER D 50 -14.89 1.41 7.41
N GLU D 51 -14.90 2.34 6.44
CA GLU D 51 -15.50 3.66 6.61
C GLU D 51 -17.02 3.61 6.69
N LYS D 52 -17.63 2.57 6.12
CA LYS D 52 -19.08 2.39 6.12
C LYS D 52 -19.62 1.89 7.45
N TYR D 53 -18.95 0.88 8.02
CA TYR D 53 -19.49 0.12 9.13
C TYR D 53 -19.00 0.59 10.50
N SER D 54 -19.94 1.15 11.28
CA SER D 54 -19.65 1.67 12.61
C SER D 54 -19.98 0.66 13.71
N ASN D 55 -20.37 -0.55 13.30
CA ASN D 55 -20.64 -1.65 14.22
C ASN D 55 -19.80 -2.90 13.93
N VAL D 56 -18.90 -2.76 12.96
CA VAL D 56 -17.98 -3.84 12.58
C VAL D 56 -16.54 -3.35 12.79
N ILE D 57 -15.71 -4.21 13.37
CA ILE D 57 -14.31 -3.89 13.63
C ILE D 57 -13.43 -4.48 12.53
N PHE D 58 -12.62 -3.63 11.92
CA PHE D 58 -11.72 -4.05 10.86
C PHE D 58 -10.29 -4.05 11.37
N LEU D 59 -9.61 -5.20 11.21
CA LEU D 59 -8.23 -5.35 11.71
C LEU D 59 -7.25 -5.79 10.62
N GLU D 60 -6.01 -5.34 10.76
CA GLU D 60 -4.91 -5.84 9.93
C GLU D 60 -3.81 -6.34 10.85
N VAL D 61 -3.48 -7.62 10.73
CA VAL D 61 -2.59 -8.30 11.67
C VAL D 61 -1.23 -8.66 11.05
N ASP D 62 -0.17 -8.08 11.57
CA ASP D 62 1.18 -8.43 11.14
C ASP D 62 2.04 -8.80 12.34
N VAL D 63 2.51 -10.04 12.37
CA VAL D 63 3.30 -10.55 13.49
C VAL D 63 4.79 -10.27 13.31
N ASP D 64 5.29 -10.47 12.08
CA ASP D 64 6.69 -10.25 11.71
C ASP D 64 7.31 -9.01 12.38
N ASP D 65 8.47 -9.21 13.02
CA ASP D 65 9.15 -8.15 13.79
C ASP D 65 10.45 -7.66 13.14
N CYS D 66 10.74 -8.18 11.95
CA CYS D 66 11.90 -7.79 11.18
C CYS D 66 11.40 -7.31 9.82
N GLN D 67 11.91 -6.17 9.36
CA GLN D 67 11.47 -5.62 8.09
C GLN D 67 12.56 -5.75 7.02
N ASP D 68 12.24 -6.46 5.95
CA ASP D 68 13.20 -6.76 4.87
C ASP D 68 13.79 -5.51 4.24
N VAL D 69 15.05 -5.61 3.85
CA VAL D 69 15.77 -4.50 3.20
C VAL D 69 15.53 -4.44 1.69
N ALA D 70 15.49 -5.61 1.05
CA ALA D 70 15.43 -5.73 -0.41
C ALA D 70 14.32 -4.87 -1.04
N SER D 71 14.68 -4.14 -2.09
CA SER D 71 13.77 -3.17 -2.71
C SER D 71 13.32 -3.50 -4.15
N GLU D 72 13.46 -4.76 -4.55
CA GLU D 72 13.00 -5.26 -5.86
C GLU D 72 12.30 -6.59 -5.66
N CYS D 73 10.97 -6.57 -5.58
CA CYS D 73 10.24 -7.76 -5.13
C CYS D 73 9.29 -8.39 -6.14
N GLU D 74 8.90 -9.62 -5.83
CA GLU D 74 7.93 -10.38 -6.58
C GLU D 74 6.70 -10.46 -5.69
N VAL D 75 5.64 -9.74 -6.04
CA VAL D 75 4.43 -9.70 -5.20
C VAL D 75 3.25 -10.48 -5.77
N LYS D 76 2.52 -11.13 -4.88
CA LYS D 76 1.21 -11.71 -5.18
C LYS D 76 0.15 -10.89 -4.46
N CYS D 77 -0.95 -10.61 -5.15
CA CYS D 77 -2.11 -9.99 -4.52
C CYS D 77 -3.29 -10.96 -4.56
N MET D 78 -3.47 -11.72 -3.48
CA MET D 78 -4.55 -12.70 -3.37
C MET D 78 -5.32 -12.50 -2.07
N PRO D 79 -6.29 -11.56 -2.06
CA PRO D 79 -6.99 -11.21 -0.83
C PRO D 79 -7.71 -12.39 -0.18
N THR D 80 -7.64 -12.43 1.15
CA THR D 80 -8.34 -13.41 1.99
C THR D 80 -8.70 -12.73 3.30
N PHE D 81 -9.96 -12.86 3.70
CA PHE D 81 -10.43 -12.23 4.93
C PHE D 81 -11.10 -13.23 5.86
N GLN D 82 -10.97 -12.96 7.16
CA GLN D 82 -11.38 -13.90 8.19
C GLN D 82 -12.30 -13.20 9.18
N PHE D 83 -13.40 -13.86 9.51
CA PHE D 83 -14.40 -13.29 10.39
C PHE D 83 -14.40 -13.96 11.75
N PHE D 84 -14.30 -13.15 12.81
CA PHE D 84 -14.27 -13.64 14.17
C PHE D 84 -15.35 -12.95 15.00
N LYS D 85 -16.30 -13.74 15.51
CA LYS D 85 -17.29 -13.22 16.44
C LYS D 85 -17.09 -13.84 17.82
N LYS D 86 -17.02 -12.96 18.84
CA LYS D 86 -16.79 -13.35 20.23
C LYS D 86 -15.63 -14.34 20.38
N GLY D 87 -14.49 -13.99 19.80
CA GLY D 87 -13.26 -14.77 19.92
C GLY D 87 -13.17 -16.04 19.09
N GLN D 88 -14.20 -16.30 18.27
CA GLN D 88 -14.32 -17.54 17.53
C GLN D 88 -14.43 -17.27 16.03
N LYS D 89 -13.61 -17.98 15.24
CA LYS D 89 -13.72 -17.92 13.78
C LYS D 89 -15.10 -18.38 13.33
N VAL D 90 -15.78 -17.54 12.58
CA VAL D 90 -17.16 -17.82 12.14
C VAL D 90 -17.33 -17.95 10.62
N GLY D 91 -16.27 -17.62 9.88
CA GLY D 91 -16.29 -17.74 8.42
C GLY D 91 -15.16 -17.01 7.73
N GLU D 92 -14.96 -17.31 6.44
CA GLU D 92 -13.92 -16.67 5.65
C GLU D 92 -14.38 -16.26 4.26
N PHE D 93 -13.63 -15.36 3.63
CA PHE D 93 -13.94 -14.86 2.29
C PHE D 93 -12.66 -14.70 1.49
N SER D 94 -12.67 -15.12 0.23
CA SER D 94 -11.53 -14.96 -0.67
C SER D 94 -11.90 -14.20 -1.93
N GLY D 95 -11.04 -13.28 -2.33
CA GLY D 95 -11.27 -12.48 -3.53
C GLY D 95 -11.42 -11.00 -3.27
N ALA D 96 -11.67 -10.26 -4.35
CA ALA D 96 -11.65 -8.80 -4.32
C ALA D 96 -13.01 -8.17 -4.65
N ASN D 97 -14.05 -9.00 -4.67
CA ASN D 97 -15.40 -8.51 -4.95
C ASN D 97 -15.94 -7.72 -3.77
N LYS D 98 -15.80 -6.40 -3.85
CA LYS D 98 -16.23 -5.49 -2.78
C LYS D 98 -17.72 -5.68 -2.46
N LYS D 99 -18.53 -5.90 -3.50
CA LYS D 99 -19.97 -6.12 -3.36
C LYS D 99 -20.30 -7.41 -2.59
N LYS D 100 -19.64 -8.50 -2.97
CA LYS D 100 -19.90 -9.81 -2.39
C LYS D 100 -19.34 -9.95 -0.97
N LEU D 101 -18.21 -9.30 -0.71
CA LEU D 101 -17.60 -9.27 0.61
C LEU D 101 -18.51 -8.51 1.57
N GLU D 102 -19.12 -7.44 1.06
CA GLU D 102 -20.07 -6.64 1.82
C GLU D 102 -21.30 -7.46 2.19
N ALA D 103 -21.73 -8.34 1.28
CA ALA D 103 -22.83 -9.27 1.53
C ALA D 103 -22.44 -10.31 2.60
N THR D 104 -21.19 -10.74 2.60
CA THR D 104 -20.69 -11.68 3.61
C THR D 104 -20.61 -11.03 5.00
N ILE D 105 -20.34 -9.74 5.04
CA ILE D 105 -20.39 -8.98 6.30
C ILE D 105 -21.83 -8.88 6.80
N ASN D 106 -22.73 -8.45 5.93
CA ASN D 106 -24.15 -8.28 6.27
C ASN D 106 -24.80 -9.61 6.69
N LYS D 107 -24.35 -10.70 6.08
CA LYS D 107 -24.80 -12.06 6.42
C LYS D 107 -24.31 -12.53 7.79
N LEU D 108 -23.15 -12.03 8.22
CA LEU D 108 -22.53 -12.50 9.47
C LEU D 108 -22.63 -11.53 10.66
N VAL D 109 -23.22 -10.35 10.45
CA VAL D 109 -23.29 -9.35 11.53
C VAL D 109 -24.47 -9.57 12.48
C1 COM E . -15.86 -12.24 -26.75
C2 COM E . -14.85 -13.37 -26.60
C2 COM E . -15.03 -12.79 -27.91
S1 COM E . -15.17 -10.69 -26.17
S2 COM E . -15.33 -14.75 -27.48
S2 COM E . -15.03 -11.78 -29.29
O1S COM E . -14.28 -15.71 -27.73
O1S COM E . -13.74 -11.27 -29.65
O2S COM E . -15.76 -14.33 -29.06
O2S COM E . -15.89 -10.33 -29.02
O3S COM E . -16.55 -15.34 -27.00
O3S COM E . -15.77 -12.34 -30.40
C1 COM F . -20.05 -15.15 -15.02
C2 COM F . -19.30 -16.46 -15.17
S1 COM F . -19.67 -14.10 -16.41
S2 COM F . -19.96 -17.64 -14.13
O1S COM F . -20.68 -16.92 -12.76
O2S COM F . -18.95 -18.46 -13.48
O3S COM F . -21.06 -18.38 -14.70
C1 COM G . 31.42 -6.40 9.44
C2 COM G . 31.58 -6.95 8.03
C2 COM G . 31.93 -7.70 8.83
S1 COM G . 29.75 -6.61 10.04
S2 COM G . 33.16 -6.74 7.45
S2 COM G . 32.27 -8.88 10.01
O1S COM G . 33.48 -7.51 6.28
O1S COM G . 33.02 -10.01 9.52
O2S COM G . 33.55 -5.35 7.36
O2S COM G . 32.75 -8.34 11.25
O3S COM G . 34.28 -7.35 8.57
O3S COM G . 30.83 -9.64 10.51
C1 COM H . 28.17 5.45 5.95
C2 COM H . 28.85 5.10 4.62
S1 COM H . 28.21 4.05 7.05
S2 COM H . 29.25 6.52 3.77
O1S COM H . 30.64 6.90 3.92
O2S COM H . 28.44 7.88 4.39
O3S COM H . 28.77 6.53 2.42
#